data_1FU3
#
_entry.id   1FU3
#
_entity_poly.entity_id   1
_entity_poly.type   'polypeptide(L)'
_entity_poly.pdbx_seq_one_letter_code
;WCKQSGEMCNLLDQNCCDGYCIVLVCT
;
_entity_poly.pdbx_strand_id   A
#
# COMPACT_ATOMS: atom_id res chain seq x y z
N TRP A 1 11.19 -5.46 -0.98
CA TRP A 1 10.46 -4.68 -2.02
C TRP A 1 9.20 -4.06 -1.42
N CYS A 2 9.33 -2.95 -0.74
CA CYS A 2 8.14 -2.29 -0.13
C CYS A 2 7.56 -1.27 -1.10
N LYS A 3 6.34 -0.84 -0.88
CA LYS A 3 5.73 0.14 -1.80
C LYS A 3 5.66 1.51 -1.13
N GLN A 4 6.15 2.52 -1.77
CA GLN A 4 6.11 3.88 -1.16
C GLN A 4 4.73 4.11 -0.56
N SER A 5 4.65 4.57 0.66
CA SER A 5 3.31 4.80 1.24
C SER A 5 2.58 5.86 0.40
N GLY A 6 1.74 5.43 -0.50
CA GLY A 6 1.00 6.39 -1.36
C GLY A 6 1.01 5.88 -2.80
N GLU A 7 1.63 4.76 -3.05
CA GLU A 7 1.67 4.21 -4.44
C GLU A 7 0.47 3.30 -4.67
N MET A 8 0.43 2.65 -5.79
CA MET A 8 -0.72 1.74 -6.07
C MET A 8 -0.69 0.54 -5.12
N CYS A 9 -1.71 0.37 -4.31
CA CYS A 9 -1.72 -0.78 -3.36
C CYS A 9 -2.91 -1.69 -3.60
N ASN A 10 -3.13 -2.60 -2.70
CA ASN A 10 -4.28 -3.55 -2.84
C ASN A 10 -5.04 -3.66 -1.51
N LEU A 11 -6.32 -3.87 -1.57
CA LEU A 11 -7.11 -3.99 -0.31
C LEU A 11 -6.98 -5.39 0.28
N LEU A 12 -6.49 -6.33 -0.49
CA LEU A 12 -6.34 -7.72 0.03
C LEU A 12 -4.87 -8.15 -0.02
N ASP A 13 -4.17 -7.73 -1.04
CA ASP A 13 -2.73 -8.11 -1.15
C ASP A 13 -1.85 -6.85 -1.17
N GLN A 14 -2.02 -5.97 -0.23
CA GLN A 14 -1.18 -4.74 -0.21
C GLN A 14 0.20 -5.04 0.40
N ASN A 15 1.15 -4.20 0.13
CA ASN A 15 2.51 -4.42 0.68
C ASN A 15 3.18 -3.06 0.92
N CYS A 16 2.49 -2.16 1.58
CA CYS A 16 3.09 -0.83 1.84
C CYS A 16 4.37 -0.99 2.65
N CYS A 17 5.23 -0.01 2.63
CA CYS A 17 6.50 -0.12 3.39
C CYS A 17 6.21 -0.28 4.88
N ASP A 18 5.35 0.53 5.43
CA ASP A 18 5.06 0.40 6.89
C ASP A 18 3.73 1.07 7.25
N GLY A 19 2.72 0.89 6.46
CA GLY A 19 1.40 1.52 6.79
C GLY A 19 0.27 0.58 6.40
N TYR A 20 -0.56 1.00 5.48
CA TYR A 20 -1.69 0.14 5.04
C TYR A 20 -2.19 0.59 3.68
N CYS A 21 -3.00 -0.20 3.03
CA CYS A 21 -3.53 0.21 1.71
C CYS A 21 -4.99 0.63 1.84
N ILE A 22 -5.30 1.85 1.52
CA ILE A 22 -6.72 2.31 1.61
C ILE A 22 -7.23 2.62 0.20
N VAL A 23 -8.40 2.14 -0.13
CA VAL A 23 -8.96 2.38 -1.49
C VAL A 23 -8.04 1.80 -2.55
N LEU A 24 -7.04 2.52 -2.96
CA LEU A 24 -6.10 1.98 -4.00
C LEU A 24 -4.71 2.62 -3.86
N VAL A 25 -4.37 3.09 -2.69
CA VAL A 25 -3.03 3.70 -2.51
C VAL A 25 -2.46 3.40 -1.12
N CYS A 26 -1.23 2.95 -1.06
CA CYS A 26 -0.60 2.65 0.25
C CYS A 26 -0.44 3.94 1.05
N THR A 27 -0.32 3.85 2.35
CA THR A 27 -0.16 5.08 3.18
C THR A 27 0.92 4.86 4.24
N TRP A 1 11.40 -4.93 -0.67
CA TRP A 1 10.53 -4.43 -1.77
C TRP A 1 9.55 -3.38 -1.21
N CYS A 2 8.49 -3.81 -0.57
CA CYS A 2 7.51 -2.83 0.01
C CYS A 2 7.09 -1.78 -1.02
N LYS A 3 6.10 -0.99 -0.69
CA LYS A 3 5.62 0.05 -1.63
C LYS A 3 5.63 1.41 -0.92
N GLN A 4 6.07 2.45 -1.59
CA GLN A 4 6.08 3.78 -0.93
C GLN A 4 4.69 4.08 -0.36
N SER A 5 4.62 4.63 0.81
CA SER A 5 3.29 4.94 1.39
C SER A 5 2.61 6.01 0.55
N GLY A 6 1.76 5.61 -0.35
CA GLY A 6 1.06 6.59 -1.22
C GLY A 6 1.04 6.06 -2.66
N GLU A 7 1.65 4.93 -2.90
CA GLU A 7 1.65 4.37 -4.29
C GLU A 7 0.33 3.67 -4.56
N MET A 8 0.24 3.02 -5.69
CA MET A 8 -1.01 2.29 -6.03
C MET A 8 -0.93 0.85 -5.52
N CYS A 9 -1.93 0.39 -4.82
CA CYS A 9 -1.88 -1.00 -4.28
C CYS A 9 -3.23 -1.70 -4.39
N ASN A 10 -3.37 -2.77 -3.68
CA ASN A 10 -4.65 -3.53 -3.72
C ASN A 10 -5.28 -3.59 -2.33
N LEU A 11 -6.58 -3.60 -2.25
CA LEU A 11 -7.25 -3.64 -0.91
C LEU A 11 -7.35 -5.09 -0.41
N LEU A 12 -6.60 -5.99 -1.00
CA LEU A 12 -6.66 -7.41 -0.55
C LEU A 12 -5.46 -7.71 0.35
N ASP A 13 -4.28 -7.51 -0.15
CA ASP A 13 -3.06 -7.77 0.66
C ASP A 13 -1.87 -7.03 0.04
N GLN A 14 -1.86 -5.73 0.15
CA GLN A 14 -0.74 -4.94 -0.44
C GLN A 14 0.49 -5.01 0.48
N ASN A 15 1.65 -4.72 -0.06
CA ASN A 15 2.88 -4.78 0.77
C ASN A 15 3.46 -3.37 0.96
N CYS A 16 2.72 -2.47 1.54
CA CYS A 16 3.27 -1.10 1.76
C CYS A 16 4.59 -1.21 2.51
N CYS A 17 5.30 -0.13 2.67
CA CYS A 17 6.60 -0.19 3.38
C CYS A 17 6.41 0.03 4.88
N ASP A 18 5.46 0.83 5.27
CA ASP A 18 5.26 1.06 6.73
C ASP A 18 3.87 1.61 7.03
N GLY A 19 2.87 1.25 6.26
CA GLY A 19 1.52 1.77 6.53
C GLY A 19 0.47 0.71 6.18
N TYR A 20 -0.40 1.02 5.29
CA TYR A 20 -1.47 0.06 4.90
C TYR A 20 -2.08 0.48 3.55
N CYS A 21 -2.49 -0.46 2.74
CA CYS A 21 -3.10 -0.07 1.45
C CYS A 21 -4.59 0.24 1.66
N ILE A 22 -4.96 1.48 1.63
CA ILE A 22 -6.39 1.83 1.82
C ILE A 22 -7.00 2.27 0.50
N VAL A 23 -8.20 1.87 0.23
CA VAL A 23 -8.86 2.25 -1.06
C VAL A 23 -8.03 1.73 -2.24
N LEU A 24 -7.05 2.48 -2.67
CA LEU A 24 -6.22 2.02 -3.83
C LEU A 24 -4.80 2.55 -3.73
N VAL A 25 -4.37 2.96 -2.57
CA VAL A 25 -3.00 3.48 -2.46
C VAL A 25 -2.39 3.21 -1.07
N CYS A 26 -1.16 2.76 -1.05
CA CYS A 26 -0.48 2.50 0.25
C CYS A 26 -0.46 3.78 1.10
N THR A 27 -0.44 3.66 2.39
CA THR A 27 -0.41 4.89 3.24
C THR A 27 0.60 4.73 4.38
N TRP A 1 12.12 -4.13 -0.89
CA TRP A 1 11.10 -3.77 -1.91
C TRP A 1 10.01 -2.90 -1.28
N CYS A 2 8.99 -3.51 -0.74
CA CYS A 2 7.89 -2.72 -0.10
C CYS A 2 7.35 -1.66 -1.06
N LYS A 3 6.22 -1.09 -0.77
CA LYS A 3 5.65 -0.07 -1.67
C LYS A 3 5.63 1.30 -0.97
N GLN A 4 6.23 2.29 -1.56
CA GLN A 4 6.24 3.63 -0.92
C GLN A 4 4.85 3.94 -0.40
N SER A 5 4.73 4.42 0.80
CA SER A 5 3.38 4.74 1.30
C SER A 5 2.77 5.82 0.41
N GLY A 6 1.95 5.42 -0.52
CA GLY A 6 1.32 6.40 -1.45
C GLY A 6 1.29 5.81 -2.86
N GLU A 7 1.86 4.65 -3.04
CA GLU A 7 1.86 4.02 -4.39
C GLU A 7 0.54 3.31 -4.63
N MET A 8 0.43 2.57 -5.68
CA MET A 8 -0.84 1.86 -5.98
C MET A 8 -0.92 0.56 -5.15
N CYS A 9 -1.98 0.38 -4.39
CA CYS A 9 -2.09 -0.86 -3.57
C CYS A 9 -3.34 -1.63 -3.95
N ASN A 10 -3.67 -2.61 -3.16
CA ASN A 10 -4.89 -3.42 -3.46
C ASN A 10 -5.90 -3.30 -2.32
N LEU A 11 -5.87 -4.20 -1.38
CA LEU A 11 -6.83 -4.15 -0.24
C LEU A 11 -6.73 -5.44 0.57
N LEU A 12 -6.45 -6.53 -0.09
CA LEU A 12 -6.31 -7.83 0.61
C LEU A 12 -4.93 -8.43 0.30
N ASP A 13 -4.15 -7.75 -0.50
CA ASP A 13 -2.79 -8.26 -0.85
C ASP A 13 -1.82 -7.09 -1.03
N GLN A 14 -1.98 -6.06 -0.23
CA GLN A 14 -1.06 -4.88 -0.35
C GLN A 14 0.27 -5.18 0.34
N ASN A 15 1.27 -4.39 0.06
CA ASN A 15 2.59 -4.60 0.70
C ASN A 15 3.27 -3.25 0.97
N CYS A 16 2.53 -2.29 1.46
CA CYS A 16 3.15 -0.97 1.74
C CYS A 16 4.42 -1.17 2.56
N CYS A 17 5.27 -0.18 2.60
CA CYS A 17 6.54 -0.32 3.37
C CYS A 17 6.25 -0.37 4.87
N ASP A 18 5.38 0.47 5.35
CA ASP A 18 5.08 0.45 6.81
C ASP A 18 3.74 1.14 7.10
N GLY A 19 2.72 0.86 6.32
CA GLY A 19 1.40 1.51 6.58
C GLY A 19 0.27 0.55 6.22
N TYR A 20 -0.52 0.91 5.24
CA TYR A 20 -1.66 0.03 4.83
C TYR A 20 -2.13 0.40 3.43
N CYS A 21 -3.17 -0.22 2.98
CA CYS A 21 -3.71 0.10 1.63
C CYS A 21 -5.16 0.56 1.76
N ILE A 22 -5.42 1.81 1.52
CA ILE A 22 -6.83 2.30 1.61
C ILE A 22 -7.28 2.80 0.24
N VAL A 23 -8.49 2.53 -0.14
CA VAL A 23 -8.98 2.96 -1.48
C VAL A 23 -8.11 2.29 -2.57
N LEU A 24 -7.01 2.88 -2.92
CA LEU A 24 -6.13 2.27 -3.96
C LEU A 24 -4.71 2.76 -3.81
N VAL A 25 -4.36 3.26 -2.67
CA VAL A 25 -2.97 3.75 -2.50
C VAL A 25 -2.44 3.43 -1.10
N CYS A 26 -1.19 3.05 -1.04
CA CYS A 26 -0.55 2.74 0.28
C CYS A 26 -0.44 4.04 1.09
N THR A 27 -0.63 3.97 2.38
CA THR A 27 -0.53 5.21 3.21
C THR A 27 0.60 5.07 4.24
N TRP A 1 11.05 -5.06 -0.81
CA TRP A 1 9.78 -5.34 -1.54
C TRP A 1 8.63 -4.55 -0.91
N CYS A 2 8.84 -3.29 -0.64
CA CYS A 2 7.76 -2.47 -0.02
C CYS A 2 7.23 -1.44 -1.03
N LYS A 3 6.08 -0.87 -0.77
CA LYS A 3 5.52 0.13 -1.72
C LYS A 3 5.59 1.53 -1.11
N GLN A 4 6.03 2.49 -1.87
CA GLN A 4 6.11 3.87 -1.35
C GLN A 4 4.77 4.27 -0.75
N SER A 5 4.70 4.52 0.53
CA SER A 5 3.39 4.91 1.11
C SER A 5 2.73 5.99 0.26
N GLY A 6 1.86 5.57 -0.63
CA GLY A 6 1.18 6.55 -1.52
C GLY A 6 1.15 6.01 -2.95
N GLU A 7 1.67 4.82 -3.16
CA GLU A 7 1.66 4.25 -4.54
C GLU A 7 0.38 3.45 -4.76
N MET A 8 0.27 2.82 -5.89
CA MET A 8 -0.95 2.02 -6.19
C MET A 8 -0.93 0.71 -5.40
N CYS A 9 -1.85 0.53 -4.48
CA CYS A 9 -1.86 -0.72 -3.67
C CYS A 9 -3.18 -1.47 -3.81
N ASN A 10 -3.37 -2.44 -2.97
CA ASN A 10 -4.62 -3.25 -2.98
C ASN A 10 -4.93 -3.68 -1.56
N LEU A 11 -6.16 -3.55 -1.12
CA LEU A 11 -6.47 -3.96 0.28
C LEU A 11 -6.53 -5.49 0.39
N LEU A 12 -6.21 -6.20 -0.67
CA LEU A 12 -6.22 -7.69 -0.62
C LEU A 12 -4.80 -8.18 -0.33
N ASP A 13 -3.89 -7.90 -1.21
CA ASP A 13 -2.48 -8.34 -1.01
C ASP A 13 -1.53 -7.13 -1.11
N GLN A 14 -1.77 -6.13 -0.30
CA GLN A 14 -0.91 -4.92 -0.33
C GLN A 14 0.39 -5.17 0.45
N ASN A 15 1.39 -4.36 0.22
CA ASN A 15 2.67 -4.52 0.95
C ASN A 15 3.32 -3.15 1.16
N CYS A 16 2.55 -2.18 1.58
CA CYS A 16 3.12 -0.83 1.80
C CYS A 16 4.42 -0.95 2.60
N CYS A 17 5.21 0.08 2.63
CA CYS A 17 6.49 0.02 3.38
C CYS A 17 6.25 0.06 4.89
N ASP A 18 5.29 0.81 5.34
CA ASP A 18 5.06 0.87 6.81
C ASP A 18 3.65 1.40 7.15
N GLY A 19 2.63 0.93 6.48
CA GLY A 19 1.27 1.42 6.80
C GLY A 19 0.22 0.40 6.35
N TYR A 20 -0.62 0.80 5.45
CA TYR A 20 -1.70 -0.10 4.95
C TYR A 20 -2.22 0.41 3.61
N CYS A 21 -3.00 -0.36 2.93
CA CYS A 21 -3.56 0.13 1.62
C CYS A 21 -5.01 0.54 1.81
N ILE A 22 -5.32 1.79 1.60
CA ILE A 22 -6.72 2.25 1.74
C ILE A 22 -7.27 2.66 0.37
N VAL A 23 -8.34 2.06 -0.04
CA VAL A 23 -8.92 2.37 -1.38
C VAL A 23 -8.02 1.82 -2.49
N LEU A 24 -6.95 2.50 -2.81
CA LEU A 24 -6.03 2.01 -3.86
C LEU A 24 -4.66 2.67 -3.73
N VAL A 25 -4.34 3.16 -2.56
CA VAL A 25 -3.04 3.82 -2.37
C VAL A 25 -2.40 3.45 -1.03
N CYS A 26 -1.16 3.05 -1.03
CA CYS A 26 -0.48 2.67 0.23
C CYS A 26 -0.28 3.91 1.12
N THR A 27 -0.26 3.73 2.41
CA THR A 27 -0.07 4.91 3.32
C THR A 27 0.89 4.54 4.45
N TRP A 1 11.87 -4.67 -0.94
CA TRP A 1 10.46 -4.81 -1.41
C TRP A 1 9.59 -3.67 -0.84
N CYS A 2 8.39 -3.97 -0.46
CA CYS A 2 7.48 -2.93 0.10
C CYS A 2 7.20 -1.84 -0.96
N LYS A 3 6.22 -1.01 -0.73
CA LYS A 3 5.91 0.04 -1.74
C LYS A 3 5.92 1.42 -1.09
N GLN A 4 6.19 2.44 -1.87
CA GLN A 4 6.23 3.82 -1.32
C GLN A 4 4.90 4.15 -0.66
N SER A 5 4.92 4.77 0.48
CA SER A 5 3.64 5.13 1.14
C SER A 5 2.92 6.17 0.29
N GLY A 6 1.97 5.75 -0.49
CA GLY A 6 1.23 6.69 -1.36
C GLY A 6 1.17 6.12 -2.78
N GLU A 7 1.73 4.96 -2.98
CA GLU A 7 1.70 4.34 -4.34
C GLU A 7 0.41 3.53 -4.50
N MET A 8 0.33 2.74 -5.52
CA MET A 8 -0.89 1.91 -5.72
C MET A 8 -0.83 0.67 -4.82
N CYS A 9 -1.89 0.35 -4.14
CA CYS A 9 -1.86 -0.85 -3.25
C CYS A 9 -3.02 -1.79 -3.54
N ASN A 10 -3.15 -2.81 -2.72
CA ASN A 10 -4.26 -3.78 -2.90
C ASN A 10 -5.08 -3.89 -1.62
N LEU A 11 -6.37 -4.08 -1.74
CA LEU A 11 -7.22 -4.18 -0.52
C LEU A 11 -6.86 -5.43 0.28
N LEU A 12 -6.27 -6.42 -0.36
CA LEU A 12 -5.89 -7.65 0.37
C LEU A 12 -4.41 -7.99 0.13
N ASP A 13 -3.98 -7.93 -1.11
CA ASP A 13 -2.55 -8.25 -1.40
C ASP A 13 -1.71 -6.96 -1.41
N GLN A 14 -1.89 -6.11 -0.44
CA GLN A 14 -1.10 -4.86 -0.39
C GLN A 14 0.29 -5.14 0.18
N ASN A 15 1.26 -4.33 -0.18
CA ASN A 15 2.64 -4.54 0.34
C ASN A 15 3.29 -3.19 0.67
N CYS A 16 2.57 -2.29 1.28
CA CYS A 16 3.17 -0.97 1.62
C CYS A 16 4.42 -1.18 2.49
N CYS A 17 5.23 -0.19 2.62
CA CYS A 17 6.47 -0.35 3.43
C CYS A 17 6.17 -0.28 4.94
N ASP A 18 5.26 0.55 5.35
CA ASP A 18 4.96 0.62 6.81
C ASP A 18 3.59 1.26 7.08
N GLY A 19 2.56 0.82 6.41
CA GLY A 19 1.23 1.41 6.66
C GLY A 19 0.15 0.42 6.25
N TYR A 20 -0.64 0.77 5.29
CA TYR A 20 -1.73 -0.13 4.82
C TYR A 20 -2.19 0.28 3.43
N CYS A 21 -3.24 -0.32 2.96
CA CYS A 21 -3.77 0.05 1.63
C CYS A 21 -5.15 0.69 1.79
N ILE A 22 -5.23 1.99 1.69
CA ILE A 22 -6.55 2.65 1.83
C ILE A 22 -7.12 2.93 0.45
N VAL A 23 -8.34 2.53 0.21
CA VAL A 23 -8.95 2.74 -1.14
C VAL A 23 -8.11 2.01 -2.20
N LEU A 24 -7.08 2.63 -2.70
CA LEU A 24 -6.23 1.96 -3.72
C LEU A 24 -4.83 2.54 -3.70
N VAL A 25 -4.40 3.04 -2.57
CA VAL A 25 -3.04 3.63 -2.49
C VAL A 25 -2.43 3.38 -1.11
N CYS A 26 -1.19 2.97 -1.06
CA CYS A 26 -0.53 2.73 0.25
C CYS A 26 -0.50 4.02 1.07
N THR A 27 -0.74 3.93 2.35
CA THR A 27 -0.73 5.16 3.20
C THR A 27 0.44 6.06 2.83
N TRP A 1 10.88 -5.57 -0.63
CA TRP A 1 9.86 -5.30 -1.69
C TRP A 1 8.67 -4.54 -1.08
N CYS A 2 8.87 -3.31 -0.71
CA CYS A 2 7.75 -2.52 -0.11
C CYS A 2 7.26 -1.46 -1.10
N LYS A 3 6.21 -0.77 -0.77
CA LYS A 3 5.69 0.27 -1.69
C LYS A 3 5.65 1.63 -0.99
N GLN A 4 6.13 2.65 -1.63
CA GLN A 4 6.11 3.99 -0.99
C GLN A 4 4.72 4.24 -0.41
N SER A 5 4.63 4.86 0.72
CA SER A 5 3.28 5.12 1.30
C SER A 5 2.52 6.11 0.41
N GLY A 6 1.71 5.60 -0.46
CA GLY A 6 0.92 6.48 -1.37
C GLY A 6 0.96 5.90 -2.78
N GLU A 7 1.65 4.81 -2.98
CA GLU A 7 1.71 4.20 -4.34
C GLU A 7 0.45 3.39 -4.62
N MET A 8 0.44 2.68 -5.70
CA MET A 8 -0.76 1.86 -6.04
C MET A 8 -0.72 0.57 -5.21
N CYS A 9 -1.73 0.30 -4.43
CA CYS A 9 -1.71 -0.94 -3.58
C CYS A 9 -2.95 -1.79 -3.80
N ASN A 10 -3.12 -2.78 -2.96
CA ASN A 10 -4.30 -3.67 -3.08
C ASN A 10 -5.00 -3.77 -1.72
N LEU A 11 -6.30 -3.60 -1.70
CA LEU A 11 -7.03 -3.69 -0.40
C LEU A 11 -6.91 -5.10 0.21
N LEU A 12 -6.33 -6.03 -0.51
CA LEU A 12 -6.17 -7.40 0.05
C LEU A 12 -4.69 -7.82 0.01
N ASP A 13 -4.09 -7.78 -1.15
CA ASP A 13 -2.65 -8.17 -1.25
C ASP A 13 -1.77 -6.93 -1.31
N GLN A 14 -1.91 -6.04 -0.37
CA GLN A 14 -1.07 -4.80 -0.38
C GLN A 14 0.31 -5.09 0.22
N ASN A 15 1.27 -4.26 -0.08
CA ASN A 15 2.64 -4.46 0.48
C ASN A 15 3.26 -3.09 0.80
N CYS A 16 2.53 -2.22 1.44
CA CYS A 16 3.10 -0.88 1.75
C CYS A 16 4.42 -1.03 2.52
N CYS A 17 5.17 0.01 2.63
CA CYS A 17 6.48 -0.07 3.34
C CYS A 17 6.30 0.04 4.86
N ASP A 18 5.40 0.85 5.32
CA ASP A 18 5.21 0.97 6.80
C ASP A 18 3.84 1.53 7.15
N GLY A 19 2.80 1.07 6.49
CA GLY A 19 1.44 1.59 6.81
C GLY A 19 0.40 0.56 6.39
N TYR A 20 -0.44 0.92 5.47
CA TYR A 20 -1.50 -0.01 4.99
C TYR A 20 -2.01 0.45 3.63
N CYS A 21 -2.90 -0.29 3.05
CA CYS A 21 -3.45 0.12 1.73
C CYS A 21 -4.92 0.46 1.86
N ILE A 22 -5.28 1.70 1.65
CA ILE A 22 -6.71 2.09 1.75
C ILE A 22 -7.21 2.45 0.35
N VAL A 23 -8.43 2.09 0.03
CA VAL A 23 -8.95 2.40 -1.34
C VAL A 23 -8.08 1.73 -2.40
N LEU A 24 -7.02 2.37 -2.81
CA LEU A 24 -6.12 1.78 -3.84
C LEU A 24 -4.74 2.40 -3.77
N VAL A 25 -4.39 2.93 -2.62
CA VAL A 25 -3.06 3.56 -2.48
C VAL A 25 -2.46 3.25 -1.10
N CYS A 26 -1.21 2.90 -1.07
CA CYS A 26 -0.55 2.61 0.24
C CYS A 26 -0.40 3.91 1.04
N THR A 27 -0.25 3.81 2.34
CA THR A 27 -0.12 5.05 3.16
C THR A 27 0.95 4.83 4.25
N TRP A 1 10.96 -5.32 -0.69
CA TRP A 1 9.76 -5.37 -1.57
C TRP A 1 8.61 -4.58 -0.95
N CYS A 2 8.84 -3.33 -0.61
CA CYS A 2 7.75 -2.52 0.00
C CYS A 2 7.27 -1.46 -0.99
N LYS A 3 6.13 -0.89 -0.76
CA LYS A 3 5.61 0.14 -1.69
C LYS A 3 5.70 1.54 -1.08
N GLN A 4 6.15 2.50 -1.83
CA GLN A 4 6.24 3.88 -1.31
C GLN A 4 4.92 4.25 -0.66
N SER A 5 4.91 4.67 0.57
CA SER A 5 3.61 5.02 1.20
C SER A 5 2.89 6.05 0.31
N GLY A 6 1.99 5.58 -0.50
CA GLY A 6 1.24 6.49 -1.41
C GLY A 6 1.22 5.92 -2.82
N GLU A 7 1.75 4.74 -3.01
CA GLU A 7 1.75 4.12 -4.37
C GLU A 7 0.44 3.38 -4.59
N MET A 8 0.33 2.67 -5.66
CA MET A 8 -0.93 1.91 -5.93
C MET A 8 -0.90 0.58 -5.17
N CYS A 9 -1.92 0.27 -4.42
CA CYS A 9 -1.90 -1.00 -3.65
C CYS A 9 -3.25 -1.70 -3.70
N ASN A 10 -3.38 -2.75 -2.93
CA ASN A 10 -4.66 -3.51 -2.89
C ASN A 10 -5.12 -3.70 -1.45
N LEU A 11 -6.35 -4.09 -1.23
CA LEU A 11 -6.82 -4.28 0.17
C LEU A 11 -6.39 -5.66 0.68
N LEU A 12 -5.98 -6.53 -0.20
CA LEU A 12 -5.54 -7.88 0.24
C LEU A 12 -4.08 -8.12 -0.18
N ASP A 13 -3.75 -7.85 -1.40
CA ASP A 13 -2.35 -8.07 -1.87
C ASP A 13 -1.53 -6.79 -1.71
N GLN A 14 -1.74 -6.06 -0.64
CA GLN A 14 -0.95 -4.81 -0.43
C GLN A 14 0.36 -5.12 0.29
N ASN A 15 1.33 -4.26 0.14
CA ASN A 15 2.64 -4.47 0.81
C ASN A 15 3.29 -3.12 1.10
N CYS A 16 2.52 -2.16 1.53
CA CYS A 16 3.08 -0.81 1.82
C CYS A 16 4.39 -0.98 2.61
N CYS A 17 5.20 0.04 2.65
CA CYS A 17 6.48 -0.06 3.40
C CYS A 17 6.23 -0.03 4.91
N ASP A 18 5.26 0.71 5.36
CA ASP A 18 5.01 0.76 6.84
C ASP A 18 3.61 1.28 7.16
N GLY A 19 2.60 0.79 6.50
CA GLY A 19 1.23 1.28 6.81
C GLY A 19 0.18 0.26 6.34
N TYR A 20 -0.62 0.66 5.41
CA TYR A 20 -1.69 -0.24 4.89
C TYR A 20 -2.16 0.24 3.51
N CYS A 21 -3.09 -0.44 2.93
CA CYS A 21 -3.61 0.01 1.61
C CYS A 21 -5.05 0.47 1.76
N ILE A 22 -5.30 1.74 1.60
CA ILE A 22 -6.69 2.24 1.74
C ILE A 22 -7.17 2.78 0.40
N VAL A 23 -8.40 2.52 0.05
CA VAL A 23 -8.93 2.98 -1.25
C VAL A 23 -8.15 2.31 -2.40
N LEU A 24 -7.04 2.88 -2.79
CA LEU A 24 -6.23 2.27 -3.88
C LEU A 24 -4.79 2.74 -3.78
N VAL A 25 -4.39 3.21 -2.64
CA VAL A 25 -3.00 3.68 -2.51
C VAL A 25 -2.46 3.42 -1.10
N CYS A 26 -1.23 3.01 -1.01
CA CYS A 26 -0.60 2.75 0.32
C CYS A 26 -0.49 4.06 1.10
N THR A 27 -0.76 4.02 2.38
CA THR A 27 -0.67 5.27 3.20
C THR A 27 0.73 5.87 3.10
N TRP A 1 11.41 -5.22 -0.46
CA TRP A 1 10.18 -5.40 -1.29
C TRP A 1 8.99 -4.67 -0.65
N CYS A 2 8.96 -3.37 -0.75
CA CYS A 2 7.84 -2.59 -0.15
C CYS A 2 7.35 -1.53 -1.14
N LYS A 3 6.27 -0.86 -0.84
CA LYS A 3 5.77 0.18 -1.78
C LYS A 3 5.84 1.55 -1.14
N GLN A 4 6.17 2.55 -1.90
CA GLN A 4 6.23 3.92 -1.33
C GLN A 4 4.91 4.23 -0.62
N SER A 5 4.96 4.95 0.46
CA SER A 5 3.68 5.24 1.17
C SER A 5 2.82 6.16 0.31
N GLY A 6 1.88 5.61 -0.40
CA GLY A 6 1.01 6.43 -1.28
C GLY A 6 1.02 5.84 -2.69
N GLU A 7 1.70 4.73 -2.88
CA GLU A 7 1.75 4.11 -4.23
C GLU A 7 0.46 3.34 -4.52
N MET A 8 0.42 2.64 -5.60
CA MET A 8 -0.79 1.85 -5.95
C MET A 8 -0.77 0.52 -5.19
N CYS A 9 -1.70 0.33 -4.31
CA CYS A 9 -1.73 -0.93 -3.51
C CYS A 9 -3.03 -1.70 -3.71
N ASN A 10 -3.24 -2.69 -2.89
CA ASN A 10 -4.49 -3.50 -3.00
C ASN A 10 -5.11 -3.66 -1.63
N LEU A 11 -6.36 -3.30 -1.48
CA LEU A 11 -7.02 -3.43 -0.15
C LEU A 11 -6.64 -4.76 0.51
N LEU A 12 -6.41 -5.78 -0.28
CA LEU A 12 -6.05 -7.10 0.31
C LEU A 12 -4.60 -7.47 -0.03
N ASP A 13 -4.27 -7.48 -1.30
CA ASP A 13 -2.87 -7.84 -1.70
C ASP A 13 -1.97 -6.60 -1.64
N GLN A 14 -1.91 -5.95 -0.51
CA GLN A 14 -1.05 -4.74 -0.38
C GLN A 14 0.32 -5.10 0.19
N ASN A 15 1.26 -4.22 0.00
CA ASN A 15 2.63 -4.47 0.52
C ASN A 15 3.32 -3.12 0.80
N CYS A 16 2.60 -2.18 1.37
CA CYS A 16 3.21 -0.85 1.67
C CYS A 16 4.51 -1.04 2.45
N CYS A 17 5.30 -0.02 2.54
CA CYS A 17 6.58 -0.15 3.29
C CYS A 17 6.34 -0.16 4.81
N ASP A 18 5.44 0.64 5.29
CA ASP A 18 5.19 0.65 6.77
C ASP A 18 3.83 1.26 7.10
N GLY A 19 2.78 0.85 6.43
CA GLY A 19 1.45 1.42 6.73
C GLY A 19 0.36 0.41 6.35
N TYR A 20 -0.46 0.77 5.41
CA TYR A 20 -1.55 -0.13 4.98
C TYR A 20 -2.06 0.27 3.60
N CYS A 21 -3.09 -0.35 3.14
CA CYS A 21 -3.64 0.00 1.80
C CYS A 21 -5.14 0.26 1.89
N ILE A 22 -5.55 1.46 1.61
CA ILE A 22 -7.00 1.79 1.65
C ILE A 22 -7.45 2.12 0.23
N VAL A 23 -8.62 1.69 -0.16
CA VAL A 23 -9.08 1.97 -1.55
C VAL A 23 -8.06 1.40 -2.53
N LEU A 24 -7.07 2.18 -2.89
CA LEU A 24 -6.03 1.67 -3.84
C LEU A 24 -4.73 2.43 -3.68
N VAL A 25 -4.41 2.84 -2.49
CA VAL A 25 -3.13 3.57 -2.29
C VAL A 25 -2.53 3.24 -0.93
N CYS A 26 -1.23 3.16 -0.86
CA CYS A 26 -0.55 2.85 0.43
C CYS A 26 -0.47 4.12 1.28
N THR A 27 -0.72 4.01 2.55
CA THR A 27 -0.66 5.22 3.43
C THR A 27 0.65 5.98 3.20
N TRP A 1 11.12 -5.31 -0.32
CA TRP A 1 10.73 -4.36 -1.40
C TRP A 1 9.74 -3.32 -0.87
N CYS A 2 8.65 -3.77 -0.31
CA CYS A 2 7.63 -2.82 0.23
C CYS A 2 7.23 -1.78 -0.83
N LYS A 3 6.16 -1.05 -0.59
CA LYS A 3 5.71 -0.04 -1.58
C LYS A 3 5.80 1.35 -0.99
N GLN A 4 6.06 2.34 -1.80
CA GLN A 4 6.14 3.73 -1.29
C GLN A 4 4.77 4.12 -0.75
N SER A 5 4.70 4.56 0.47
CA SER A 5 3.36 4.95 1.00
C SER A 5 2.71 5.96 0.07
N GLY A 6 1.86 5.50 -0.79
CA GLY A 6 1.17 6.42 -1.75
C GLY A 6 1.11 5.77 -3.13
N GLU A 7 1.67 4.60 -3.28
CA GLU A 7 1.63 3.92 -4.61
C GLU A 7 0.31 3.18 -4.78
N MET A 8 0.10 2.58 -5.92
CA MET A 8 -1.17 1.83 -6.13
C MET A 8 -1.12 0.52 -5.35
N CYS A 9 -2.03 0.32 -4.44
CA CYS A 9 -2.00 -0.95 -3.64
C CYS A 9 -3.28 -1.76 -3.84
N ASN A 10 -3.41 -2.80 -3.08
CA ASN A 10 -4.62 -3.67 -3.19
C ASN A 10 -5.27 -3.84 -1.82
N LEU A 11 -6.53 -4.16 -1.79
CA LEU A 11 -7.23 -4.35 -0.48
C LEU A 11 -6.76 -5.64 0.20
N LEU A 12 -6.40 -6.63 -0.57
CA LEU A 12 -5.93 -7.91 0.03
C LEU A 12 -4.49 -8.21 -0.39
N ASP A 13 -4.00 -7.54 -1.40
CA ASP A 13 -2.60 -7.79 -1.85
C ASP A 13 -1.76 -6.51 -1.73
N GLN A 14 -1.83 -5.84 -0.60
CA GLN A 14 -1.04 -4.59 -0.44
C GLN A 14 0.31 -4.93 0.22
N ASN A 15 1.30 -4.11 -0.03
CA ASN A 15 2.64 -4.34 0.58
C ASN A 15 3.29 -3.02 0.94
N CYS A 16 2.54 -2.12 1.52
CA CYS A 16 3.13 -0.80 1.89
C CYS A 16 4.40 -1.01 2.71
N CYS A 17 5.24 -0.03 2.79
CA CYS A 17 6.51 -0.17 3.56
C CYS A 17 6.27 -0.08 5.06
N ASP A 18 5.34 0.72 5.50
CA ASP A 18 5.11 0.81 6.98
C ASP A 18 3.73 1.37 7.31
N GLY A 19 2.74 1.09 6.52
CA GLY A 19 1.38 1.61 6.83
C GLY A 19 0.34 0.61 6.38
N TYR A 20 -0.51 0.98 5.49
CA TYR A 20 -1.57 0.07 5.00
C TYR A 20 -2.13 0.53 3.66
N CYS A 21 -2.85 -0.31 2.98
CA CYS A 21 -3.44 0.11 1.69
C CYS A 21 -4.89 0.54 1.93
N ILE A 22 -5.17 1.79 1.76
CA ILE A 22 -6.57 2.26 1.97
C ILE A 22 -7.12 2.73 0.62
N VAL A 23 -8.36 2.43 0.33
CA VAL A 23 -8.93 2.81 -0.99
C VAL A 23 -8.13 2.14 -2.10
N LEU A 24 -7.08 2.75 -2.56
CA LEU A 24 -6.26 2.13 -3.64
C LEU A 24 -4.84 2.67 -3.60
N VAL A 25 -4.40 3.16 -2.48
CA VAL A 25 -3.02 3.70 -2.39
C VAL A 25 -2.39 3.38 -1.03
N CYS A 26 -1.15 2.97 -1.03
CA CYS A 26 -0.46 2.67 0.26
C CYS A 26 -0.29 3.95 1.06
N THR A 27 -0.30 3.86 2.37
CA THR A 27 -0.14 5.10 3.20
C THR A 27 1.00 4.89 4.22
N TRP A 1 11.86 -4.83 0.21
CA TRP A 1 10.59 -5.11 -0.54
C TRP A 1 9.44 -4.31 0.08
N CYS A 2 8.97 -3.30 -0.61
CA CYS A 2 7.84 -2.49 -0.04
C CYS A 2 7.35 -1.48 -1.08
N LYS A 3 6.17 -0.96 -0.90
CA LYS A 3 5.63 0.03 -1.89
C LYS A 3 5.66 1.43 -1.28
N GLN A 4 6.18 2.39 -2.00
CA GLN A 4 6.22 3.77 -1.47
C GLN A 4 4.88 4.12 -0.84
N SER A 5 4.86 4.60 0.36
CA SER A 5 3.56 4.94 0.98
C SER A 5 2.89 6.04 0.15
N GLY A 6 2.00 5.64 -0.71
CA GLY A 6 1.30 6.63 -1.57
C GLY A 6 1.15 6.05 -2.98
N GLU A 7 1.67 4.87 -3.22
CA GLU A 7 1.56 4.28 -4.58
C GLU A 7 0.19 3.60 -4.74
N MET A 8 -0.08 3.05 -5.89
CA MET A 8 -1.39 2.38 -6.09
C MET A 8 -1.30 0.92 -5.62
N CYS A 9 -2.05 0.55 -4.63
CA CYS A 9 -1.97 -0.85 -4.13
C CYS A 9 -3.32 -1.57 -4.25
N ASN A 10 -3.40 -2.73 -3.67
CA ASN A 10 -4.67 -3.51 -3.73
C ASN A 10 -5.28 -3.62 -2.33
N LEU A 11 -6.57 -3.52 -2.22
CA LEU A 11 -7.22 -3.63 -0.88
C LEU A 11 -7.45 -5.10 -0.53
N LEU A 12 -6.47 -5.93 -0.76
CA LEU A 12 -6.64 -7.38 -0.43
C LEU A 12 -5.30 -7.99 0.02
N ASP A 13 -4.21 -7.55 -0.52
CA ASP A 13 -2.90 -8.12 -0.11
C ASP A 13 -1.74 -7.20 -0.52
N GLN A 14 -1.84 -5.93 -0.23
CA GLN A 14 -0.73 -5.00 -0.61
C GLN A 14 0.40 -5.08 0.42
N ASN A 15 1.58 -4.68 0.02
CA ASN A 15 2.74 -4.71 0.96
C ASN A 15 3.36 -3.30 1.06
N CYS A 16 2.61 -2.34 1.55
CA CYS A 16 3.17 -0.97 1.67
C CYS A 16 4.46 -1.00 2.48
N CYS A 17 5.19 0.07 2.50
CA CYS A 17 6.48 0.09 3.25
C CYS A 17 6.26 0.24 4.76
N ASP A 18 5.34 1.06 5.18
CA ASP A 18 5.13 1.23 6.66
C ASP A 18 3.72 1.71 6.98
N GLY A 19 2.71 1.16 6.36
CA GLY A 19 1.33 1.60 6.68
C GLY A 19 0.34 0.49 6.34
N TYR A 20 -0.57 0.79 5.46
CA TYR A 20 -1.59 -0.21 5.06
C TYR A 20 -2.23 0.21 3.73
N CYS A 21 -2.60 -0.72 2.90
CA CYS A 21 -3.24 -0.32 1.62
C CYS A 21 -4.73 -0.04 1.83
N ILE A 22 -5.10 1.21 1.80
CA ILE A 22 -6.52 1.56 2.00
C ILE A 22 -7.08 2.17 0.71
N VAL A 23 -8.32 1.89 0.39
CA VAL A 23 -8.90 2.45 -0.87
C VAL A 23 -8.09 1.94 -2.06
N LEU A 24 -7.04 2.61 -2.42
CA LEU A 24 -6.21 2.16 -3.57
C LEU A 24 -4.83 2.79 -3.50
N VAL A 25 -4.41 3.15 -2.32
CA VAL A 25 -3.08 3.76 -2.17
C VAL A 25 -2.40 3.31 -0.87
N CYS A 26 -1.12 3.09 -0.93
CA CYS A 26 -0.36 2.66 0.28
C CYS A 26 -0.15 3.85 1.22
N THR A 27 -0.35 3.67 2.50
CA THR A 27 -0.15 4.79 3.45
C THR A 27 0.93 4.44 4.47
N TRP A 1 10.93 -5.31 -1.00
CA TRP A 1 9.62 -5.50 -1.71
C TRP A 1 8.53 -4.68 -1.01
N CYS A 2 8.74 -3.41 -0.83
CA CYS A 2 7.71 -2.56 -0.16
C CYS A 2 7.27 -1.44 -1.09
N LYS A 3 6.14 -0.83 -0.83
CA LYS A 3 5.65 0.25 -1.71
C LYS A 3 5.78 1.61 -1.00
N GLN A 4 6.06 2.64 -1.74
CA GLN A 4 6.17 3.98 -1.13
C GLN A 4 4.85 4.38 -0.51
N SER A 5 4.79 4.57 0.79
CA SER A 5 3.50 4.97 1.40
C SER A 5 2.90 6.11 0.58
N GLY A 6 1.99 5.79 -0.29
CA GLY A 6 1.36 6.84 -1.16
C GLY A 6 1.27 6.32 -2.59
N GLU A 7 1.70 5.11 -2.83
CA GLU A 7 1.64 4.54 -4.22
C GLU A 7 0.36 3.72 -4.34
N MET A 8 0.26 2.94 -5.38
CA MET A 8 -0.96 2.10 -5.56
C MET A 8 -0.84 0.86 -4.66
N CYS A 9 -1.95 0.29 -4.23
CA CYS A 9 -1.85 -0.90 -3.34
C CYS A 9 -2.99 -1.88 -3.57
N ASN A 10 -3.07 -2.88 -2.75
CA ASN A 10 -4.14 -3.90 -2.87
C ASN A 10 -4.84 -4.06 -1.51
N LEU A 11 -6.10 -3.72 -1.43
CA LEU A 11 -6.83 -3.84 -0.14
C LEU A 11 -6.46 -5.14 0.59
N LEU A 12 -6.13 -6.17 -0.13
CA LEU A 12 -5.77 -7.46 0.54
C LEU A 12 -4.29 -7.80 0.30
N ASP A 13 -3.91 -7.98 -0.93
CA ASP A 13 -2.48 -8.33 -1.22
C ASP A 13 -1.63 -7.06 -1.29
N GLN A 14 -1.77 -6.17 -0.36
CA GLN A 14 -0.96 -4.92 -0.38
C GLN A 14 0.44 -5.20 0.21
N ASN A 15 1.39 -4.38 -0.12
CA ASN A 15 2.77 -4.58 0.42
C ASN A 15 3.40 -3.24 0.75
N CYS A 16 2.65 -2.32 1.30
CA CYS A 16 3.23 -0.99 1.64
C CYS A 16 4.51 -1.19 2.46
N CYS A 17 5.27 -0.16 2.62
CA CYS A 17 6.53 -0.29 3.39
C CYS A 17 6.24 -0.29 4.89
N ASP A 18 5.34 0.53 5.34
CA ASP A 18 5.03 0.57 6.80
C ASP A 18 3.66 1.21 7.05
N GLY A 19 2.65 0.81 6.34
CA GLY A 19 1.31 1.43 6.58
C GLY A 19 0.20 0.44 6.21
N TYR A 20 -0.58 0.78 5.23
CA TYR A 20 -1.70 -0.10 4.79
C TYR A 20 -2.16 0.25 3.39
N CYS A 21 -3.19 -0.40 2.93
CA CYS A 21 -3.72 -0.08 1.57
C CYS A 21 -5.13 0.47 1.71
N ILE A 22 -5.30 1.73 1.47
CA ILE A 22 -6.67 2.33 1.59
C ILE A 22 -7.14 2.77 0.21
N VAL A 23 -8.39 2.56 -0.10
CA VAL A 23 -8.90 2.93 -1.46
C VAL A 23 -8.11 2.15 -2.50
N LEU A 24 -7.00 2.66 -2.94
CA LEU A 24 -6.18 1.93 -3.96
C LEU A 24 -4.73 2.40 -3.90
N VAL A 25 -4.31 2.89 -2.77
CA VAL A 25 -2.92 3.37 -2.66
C VAL A 25 -2.40 3.21 -1.23
N CYS A 26 -1.17 2.80 -1.09
CA CYS A 26 -0.56 2.64 0.26
C CYS A 26 -0.64 3.98 1.00
N THR A 27 -0.95 3.94 2.27
CA THR A 27 -1.03 5.21 3.06
C THR A 27 0.14 6.12 2.71
N TRP A 1 11.27 -5.58 0.07
CA TRP A 1 9.99 -5.62 -0.69
C TRP A 1 8.95 -4.70 -0.02
N CYS A 2 8.54 -3.66 -0.68
CA CYS A 2 7.54 -2.74 -0.08
C CYS A 2 7.12 -1.66 -1.10
N LYS A 3 6.09 -0.92 -0.80
CA LYS A 3 5.65 0.13 -1.76
C LYS A 3 5.67 1.50 -1.09
N GLN A 4 6.03 2.52 -1.82
CA GLN A 4 6.05 3.88 -1.22
C GLN A 4 4.67 4.20 -0.66
N SER A 5 4.59 4.70 0.53
CA SER A 5 3.23 5.01 1.07
C SER A 5 2.56 6.06 0.19
N GLY A 6 1.73 5.62 -0.72
CA GLY A 6 1.02 6.57 -1.62
C GLY A 6 0.96 5.97 -3.03
N GLU A 7 1.57 4.84 -3.24
CA GLU A 7 1.55 4.21 -4.59
C GLU A 7 0.27 3.38 -4.77
N MET A 8 0.10 2.77 -5.90
CA MET A 8 -1.12 1.96 -6.14
C MET A 8 -1.03 0.64 -5.35
N CYS A 9 -1.91 0.44 -4.41
CA CYS A 9 -1.85 -0.83 -3.61
C CYS A 9 -3.12 -1.65 -3.79
N ASN A 10 -3.27 -2.67 -3.02
CA ASN A 10 -4.48 -3.53 -3.13
C ASN A 10 -5.11 -3.72 -1.75
N LEU A 11 -6.34 -4.15 -1.69
CA LEU A 11 -7.01 -4.35 -0.37
C LEU A 11 -6.46 -5.61 0.31
N LEU A 12 -6.12 -6.60 -0.45
CA LEU A 12 -5.57 -7.86 0.15
C LEU A 12 -4.11 -8.05 -0.25
N ASP A 13 -3.75 -7.63 -1.43
CA ASP A 13 -2.33 -7.80 -1.88
C ASP A 13 -1.54 -6.51 -1.67
N GLN A 14 -1.85 -5.77 -0.63
CA GLN A 14 -1.09 -4.51 -0.39
C GLN A 14 0.23 -4.83 0.31
N ASN A 15 1.29 -4.18 -0.09
CA ASN A 15 2.61 -4.44 0.54
C ASN A 15 3.29 -3.11 0.86
N CYS A 16 2.54 -2.15 1.34
CA CYS A 16 3.15 -0.84 1.67
C CYS A 16 4.44 -1.06 2.47
N CYS A 17 5.24 -0.04 2.59
CA CYS A 17 6.53 -0.17 3.34
C CYS A 17 6.32 -0.04 4.85
N ASP A 18 5.41 0.78 5.28
CA ASP A 18 5.21 0.94 6.75
C ASP A 18 3.83 1.52 7.09
N GLY A 19 2.78 1.07 6.45
CA GLY A 19 1.45 1.61 6.77
C GLY A 19 0.37 0.60 6.35
N TYR A 20 -0.46 0.98 5.43
CA TYR A 20 -1.53 0.07 4.94
C TYR A 20 -2.05 0.54 3.59
N CYS A 21 -3.01 -0.16 3.06
CA CYS A 21 -3.55 0.26 1.75
C CYS A 21 -5.03 0.63 1.88
N ILE A 22 -5.34 1.89 1.78
CA ILE A 22 -6.77 2.30 1.89
C ILE A 22 -7.30 2.64 0.49
N VAL A 23 -8.50 2.23 0.18
CA VAL A 23 -9.04 2.51 -1.18
C VAL A 23 -8.14 1.85 -2.23
N LEU A 24 -7.11 2.52 -2.65
CA LEU A 24 -6.18 1.93 -3.66
C LEU A 24 -4.82 2.63 -3.59
N VAL A 25 -4.42 3.04 -2.42
CA VAL A 25 -3.10 3.72 -2.31
C VAL A 25 -2.43 3.34 -0.98
N CYS A 26 -1.15 3.14 -1.00
CA CYS A 26 -0.41 2.77 0.24
C CYS A 26 -0.23 4.00 1.14
N THR A 27 -0.11 3.80 2.42
CA THR A 27 0.07 4.95 3.35
C THR A 27 0.99 4.53 4.50
N TRP A 1 11.19 -5.03 -1.04
CA TRP A 1 10.37 -4.50 -2.17
C TRP A 1 9.13 -3.79 -1.63
N CYS A 2 9.22 -3.21 -0.47
CA CYS A 2 8.05 -2.49 0.09
C CYS A 2 7.57 -1.43 -0.91
N LYS A 3 6.46 -0.81 -0.65
CA LYS A 3 5.97 0.23 -1.61
C LYS A 3 5.92 1.59 -0.93
N GLN A 4 6.27 2.62 -1.64
CA GLN A 4 6.22 3.97 -1.03
C GLN A 4 4.81 4.22 -0.51
N SER A 5 4.69 4.76 0.66
CA SER A 5 3.31 5.00 1.18
C SER A 5 2.58 5.96 0.24
N GLY A 6 1.78 5.44 -0.64
CA GLY A 6 1.03 6.29 -1.60
C GLY A 6 1.02 5.63 -2.99
N GLU A 7 1.71 4.53 -3.14
CA GLU A 7 1.74 3.84 -4.46
C GLU A 7 0.44 3.05 -4.69
N MET A 8 0.24 2.53 -5.88
CA MET A 8 -1.00 1.74 -6.15
C MET A 8 -0.97 0.45 -5.34
N CYS A 9 -1.82 0.32 -4.36
CA CYS A 9 -1.82 -0.92 -3.53
C CYS A 9 -3.11 -1.71 -3.68
N ASN A 10 -3.26 -2.72 -2.89
CA ASN A 10 -4.48 -3.56 -2.94
C ASN A 10 -5.11 -3.63 -1.55
N LEU A 11 -6.40 -3.78 -1.46
CA LEU A 11 -7.06 -3.84 -0.12
C LEU A 11 -6.81 -5.21 0.52
N LEU A 12 -6.34 -6.17 -0.23
CA LEU A 12 -6.08 -7.50 0.36
C LEU A 12 -4.59 -7.86 0.25
N ASP A 13 -4.04 -7.80 -0.92
CA ASP A 13 -2.60 -8.14 -1.09
C ASP A 13 -1.77 -6.87 -1.22
N GLN A 14 -1.89 -5.96 -0.29
CA GLN A 14 -1.10 -4.71 -0.36
C GLN A 14 0.32 -4.97 0.16
N ASN A 15 1.26 -4.17 -0.25
CA ASN A 15 2.66 -4.37 0.21
C ASN A 15 3.29 -3.02 0.60
N CYS A 16 2.57 -2.20 1.33
CA CYS A 16 3.14 -0.88 1.72
C CYS A 16 4.39 -1.09 2.59
N CYS A 17 5.19 -0.08 2.72
CA CYS A 17 6.43 -0.22 3.53
C CYS A 17 6.08 -0.32 5.02
N ASP A 18 5.22 0.52 5.52
CA ASP A 18 4.87 0.44 6.97
C ASP A 18 3.54 1.16 7.24
N GLY A 19 2.50 0.83 6.51
CA GLY A 19 1.19 1.49 6.76
C GLY A 19 0.06 0.55 6.37
N TYR A 20 -0.71 0.92 5.40
CA TYR A 20 -1.84 0.06 4.96
C TYR A 20 -2.27 0.46 3.55
N CYS A 21 -3.25 -0.19 3.01
CA CYS A 21 -3.70 0.19 1.65
C CYS A 21 -5.16 0.62 1.68
N ILE A 22 -5.42 1.90 1.64
CA ILE A 22 -6.83 2.36 1.66
C ILE A 22 -7.27 2.70 0.23
N VAL A 23 -8.47 2.34 -0.14
CA VAL A 23 -8.94 2.62 -1.52
C VAL A 23 -8.01 1.93 -2.53
N LEU A 24 -6.96 2.59 -2.91
CA LEU A 24 -6.01 1.97 -3.88
C LEU A 24 -4.63 2.63 -3.77
N VAL A 25 -4.28 3.05 -2.59
CA VAL A 25 -2.95 3.69 -2.40
C VAL A 25 -2.36 3.29 -1.04
N CYS A 26 -1.09 3.02 -1.00
CA CYS A 26 -0.42 2.63 0.27
C CYS A 26 -0.25 3.87 1.16
N THR A 27 -0.21 3.68 2.45
CA THR A 27 -0.03 4.84 3.36
C THR A 27 1.05 4.54 4.40
N TRP A 1 11.80 -4.22 -1.67
CA TRP A 1 10.38 -4.65 -1.55
C TRP A 1 9.54 -3.54 -0.90
N CYS A 2 8.32 -3.83 -0.54
CA CYS A 2 7.43 -2.80 0.08
C CYS A 2 7.07 -1.74 -0.96
N LYS A 3 6.03 -1.00 -0.74
CA LYS A 3 5.63 0.02 -1.73
C LYS A 3 5.61 1.42 -1.10
N GLN A 4 6.04 2.41 -1.82
CA GLN A 4 6.04 3.79 -1.27
C GLN A 4 4.67 4.08 -0.67
N SER A 5 4.62 4.77 0.42
CA SER A 5 3.29 5.08 1.02
C SER A 5 2.54 6.05 0.13
N GLY A 6 1.69 5.54 -0.72
CA GLY A 6 0.93 6.40 -1.64
C GLY A 6 0.94 5.79 -3.04
N GLU A 7 1.59 4.67 -3.21
CA GLU A 7 1.62 4.03 -4.57
C GLU A 7 0.39 3.16 -4.77
N MET A 8 0.30 2.53 -5.90
CA MET A 8 -0.88 1.65 -6.17
C MET A 8 -0.86 0.45 -5.22
N CYS A 9 -1.74 0.40 -4.25
CA CYS A 9 -1.73 -0.76 -3.31
C CYS A 9 -2.89 -1.71 -3.58
N ASN A 10 -3.06 -2.67 -2.73
CA ASN A 10 -4.16 -3.67 -2.90
C ASN A 10 -4.90 -3.86 -1.58
N LEU A 11 -6.19 -4.04 -1.64
CA LEU A 11 -6.97 -4.22 -0.38
C LEU A 11 -6.77 -5.64 0.17
N LEU A 12 -6.57 -6.61 -0.69
CA LEU A 12 -6.37 -8.01 -0.22
C LEU A 12 -4.93 -8.45 -0.50
N ASP A 13 -4.11 -7.57 -0.99
CA ASP A 13 -2.70 -7.94 -1.30
C ASP A 13 -1.82 -6.68 -1.26
N GLN A 14 -1.96 -5.87 -0.27
CA GLN A 14 -1.14 -4.63 -0.18
C GLN A 14 0.21 -4.93 0.47
N ASN A 15 1.23 -4.23 0.07
CA ASN A 15 2.58 -4.45 0.65
C ASN A 15 3.23 -3.10 0.95
N CYS A 16 2.50 -2.19 1.55
CA CYS A 16 3.10 -0.86 1.85
C CYS A 16 4.37 -1.05 2.68
N CYS A 17 5.21 -0.06 2.71
CA CYS A 17 6.48 -0.20 3.47
C CYS A 17 6.24 -0.09 4.98
N ASP A 18 5.32 0.73 5.41
CA ASP A 18 5.10 0.85 6.88
C ASP A 18 3.72 1.43 7.22
N GLY A 19 2.67 0.95 6.59
CA GLY A 19 1.33 1.50 6.91
C GLY A 19 0.26 0.50 6.47
N TYR A 20 -0.56 0.89 5.55
CA TYR A 20 -1.65 0.00 5.06
C TYR A 20 -2.14 0.47 3.71
N CYS A 21 -3.03 -0.24 3.10
CA CYS A 21 -3.56 0.20 1.78
C CYS A 21 -5.02 0.64 1.92
N ILE A 22 -5.30 1.88 1.63
CA ILE A 22 -6.71 2.36 1.73
C ILE A 22 -7.18 2.80 0.35
N VAL A 23 -8.35 2.37 -0.06
CA VAL A 23 -8.87 2.75 -1.40
C VAL A 23 -7.98 2.13 -2.50
N LEU A 24 -6.90 2.77 -2.84
CA LEU A 24 -6.00 2.21 -3.89
C LEU A 24 -4.60 2.77 -3.74
N VAL A 25 -4.28 3.29 -2.60
CA VAL A 25 -2.92 3.86 -2.40
C VAL A 25 -2.35 3.45 -1.04
N CYS A 26 -1.10 3.04 -1.02
CA CYS A 26 -0.46 2.64 0.26
C CYS A 26 -0.25 3.86 1.15
N THR A 27 -0.10 3.66 2.43
CA THR A 27 0.12 4.82 3.35
C THR A 27 1.06 4.42 4.49
N TRP A 1 11.30 -5.33 -0.28
CA TRP A 1 10.16 -5.36 -1.23
C TRP A 1 8.97 -4.60 -0.65
N CYS A 2 9.06 -3.30 -0.58
CA CYS A 2 7.93 -2.50 -0.03
C CYS A 2 7.49 -1.46 -1.05
N LYS A 3 6.40 -0.78 -0.79
CA LYS A 3 5.92 0.25 -1.76
C LYS A 3 5.80 1.60 -1.07
N GLN A 4 6.17 2.66 -1.74
CA GLN A 4 6.07 4.00 -1.12
C GLN A 4 4.65 4.21 -0.61
N SER A 5 4.50 4.75 0.57
CA SER A 5 3.13 4.97 1.09
C SER A 5 2.40 5.97 0.19
N GLY A 6 1.61 5.47 -0.71
CA GLY A 6 0.88 6.38 -1.63
C GLY A 6 0.88 5.78 -3.04
N GLU A 7 1.57 4.67 -3.23
CA GLU A 7 1.61 4.04 -4.59
C GLU A 7 0.36 3.18 -4.81
N MET A 8 0.24 2.58 -5.95
CA MET A 8 -0.95 1.72 -6.21
C MET A 8 -0.91 0.48 -5.32
N CYS A 9 -1.84 0.35 -4.41
CA CYS A 9 -1.82 -0.84 -3.50
C CYS A 9 -3.08 -1.69 -3.68
N ASN A 10 -3.23 -2.67 -2.83
CA ASN A 10 -4.41 -3.57 -2.91
C ASN A 10 -4.96 -3.83 -1.50
N LEU A 11 -6.23 -3.62 -1.30
CA LEU A 11 -6.84 -3.84 0.04
C LEU A 11 -6.32 -5.14 0.70
N LEU A 12 -6.24 -6.20 -0.05
CA LEU A 12 -5.76 -7.48 0.55
C LEU A 12 -4.31 -7.76 0.14
N ASP A 13 -4.02 -7.69 -1.13
CA ASP A 13 -2.63 -7.97 -1.58
C ASP A 13 -1.81 -6.67 -1.59
N GLN A 14 -1.90 -5.89 -0.55
CA GLN A 14 -1.11 -4.61 -0.51
C GLN A 14 0.32 -4.89 -0.04
N ASN A 15 1.23 -4.01 -0.34
CA ASN A 15 2.63 -4.19 0.10
C ASN A 15 3.25 -2.85 0.48
N CYS A 16 2.57 -2.07 1.28
CA CYS A 16 3.15 -0.75 1.67
C CYS A 16 4.40 -0.97 2.52
N CYS A 17 5.23 0.02 2.63
CA CYS A 17 6.47 -0.13 3.41
C CYS A 17 6.18 -0.23 4.91
N ASP A 18 5.30 0.59 5.42
CA ASP A 18 5.01 0.51 6.88
C ASP A 18 3.67 1.16 7.23
N GLY A 19 2.59 0.67 6.69
CA GLY A 19 1.26 1.26 7.01
C GLY A 19 0.15 0.33 6.53
N TYR A 20 -0.60 0.77 5.58
CA TYR A 20 -1.72 -0.06 5.05
C TYR A 20 -2.15 0.43 3.68
N CYS A 21 -3.05 -0.27 3.06
CA CYS A 21 -3.54 0.17 1.72
C CYS A 21 -5.01 0.58 1.85
N ILE A 22 -5.31 1.83 1.61
CA ILE A 22 -6.72 2.28 1.73
C ILE A 22 -7.26 2.72 0.36
N VAL A 23 -8.37 2.16 -0.03
CA VAL A 23 -8.97 2.51 -1.36
C VAL A 23 -8.11 1.93 -2.50
N LEU A 24 -7.02 2.58 -2.84
CA LEU A 24 -6.14 2.06 -3.93
C LEU A 24 -4.75 2.67 -3.81
N VAL A 25 -4.39 3.14 -2.65
CA VAL A 25 -3.04 3.74 -2.48
C VAL A 25 -2.45 3.38 -1.11
N CYS A 26 -1.20 3.01 -1.09
CA CYS A 26 -0.53 2.64 0.19
C CYS A 26 -0.35 3.89 1.07
N THR A 27 -0.19 3.71 2.35
CA THR A 27 0.00 4.88 3.25
C THR A 27 0.92 4.51 4.42
N TRP A 1 11.13 -3.78 -2.53
CA TRP A 1 9.85 -4.55 -2.56
C TRP A 1 8.71 -3.72 -1.96
N CYS A 2 8.81 -3.39 -0.70
CA CYS A 2 7.73 -2.57 -0.06
C CYS A 2 7.28 -1.45 -1.01
N LYS A 3 6.16 -0.84 -0.75
CA LYS A 3 5.69 0.25 -1.64
C LYS A 3 5.62 1.56 -0.87
N GLN A 4 6.23 2.61 -1.36
CA GLN A 4 6.18 3.90 -0.64
C GLN A 4 4.75 4.15 -0.18
N SER A 5 4.55 4.74 0.94
CA SER A 5 3.16 4.98 1.40
C SER A 5 2.49 5.97 0.43
N GLY A 6 1.75 5.45 -0.52
CA GLY A 6 1.08 6.32 -1.51
C GLY A 6 1.17 5.67 -2.90
N GLU A 7 1.88 4.57 -3.00
CA GLU A 7 2.01 3.89 -4.33
C GLU A 7 0.76 3.04 -4.60
N MET A 8 0.72 2.35 -5.69
CA MET A 8 -0.47 1.50 -5.99
C MET A 8 -0.54 0.34 -5.00
N CYS A 9 -1.60 0.22 -4.25
CA CYS A 9 -1.69 -0.89 -3.26
C CYS A 9 -2.92 -1.76 -3.50
N ASN A 10 -3.18 -2.63 -2.57
CA ASN A 10 -4.36 -3.55 -2.71
C ASN A 10 -5.05 -3.74 -1.35
N LEU A 11 -6.36 -3.74 -1.33
CA LEU A 11 -7.08 -3.92 -0.03
C LEU A 11 -6.88 -5.34 0.52
N LEU A 12 -6.47 -6.26 -0.31
CA LEU A 12 -6.26 -7.66 0.17
C LEU A 12 -4.77 -8.01 0.19
N ASP A 13 -4.10 -7.89 -0.93
CA ASP A 13 -2.65 -8.23 -0.96
C ASP A 13 -1.80 -6.96 -1.07
N GLN A 14 -1.94 -6.06 -0.14
CA GLN A 14 -1.14 -4.81 -0.18
C GLN A 14 0.27 -5.08 0.38
N ASN A 15 1.25 -4.36 -0.09
CA ASN A 15 2.64 -4.57 0.42
C ASN A 15 3.27 -3.22 0.74
N CYS A 16 2.55 -2.34 1.38
CA CYS A 16 3.13 -1.01 1.72
C CYS A 16 4.41 -1.20 2.54
N CYS A 17 5.18 -0.16 2.69
CA CYS A 17 6.44 -0.28 3.47
C CYS A 17 6.17 -0.26 4.97
N ASP A 18 5.28 0.59 5.42
CA ASP A 18 4.99 0.64 6.88
C ASP A 18 3.64 1.31 7.17
N GLY A 19 2.60 0.91 6.49
CA GLY A 19 1.28 1.55 6.75
C GLY A 19 0.16 0.57 6.39
N TYR A 20 -0.66 0.95 5.45
CA TYR A 20 -1.79 0.07 5.03
C TYR A 20 -2.29 0.50 3.66
N CYS A 21 -3.04 -0.31 3.00
CA CYS A 21 -3.57 0.09 1.66
C CYS A 21 -5.02 0.55 1.80
N ILE A 22 -5.30 1.74 1.37
CA ILE A 22 -6.70 2.26 1.47
C ILE A 22 -7.13 2.77 0.09
N VAL A 23 -8.32 2.42 -0.33
CA VAL A 23 -8.80 2.84 -1.68
C VAL A 23 -7.94 2.17 -2.77
N LEU A 24 -6.81 2.72 -3.09
CA LEU A 24 -5.94 2.10 -4.12
C LEU A 24 -4.51 2.63 -3.97
N VAL A 25 -4.17 3.12 -2.81
CA VAL A 25 -2.81 3.65 -2.62
C VAL A 25 -2.31 3.37 -1.19
N CYS A 26 -1.08 2.94 -1.08
CA CYS A 26 -0.49 2.67 0.26
C CYS A 26 -0.45 3.97 1.07
N THR A 27 -0.49 3.87 2.36
CA THR A 27 -0.44 5.12 3.19
C THR A 27 0.46 4.90 4.42
N TRP A 1 11.91 -4.98 -0.08
CA TRP A 1 10.67 -5.05 -0.90
C TRP A 1 9.52 -4.31 -0.21
N CYS A 2 8.98 -3.31 -0.85
CA CYS A 2 7.87 -2.55 -0.22
C CYS A 2 7.32 -1.49 -1.20
N LYS A 3 6.15 -0.99 -0.95
CA LYS A 3 5.58 0.04 -1.87
C LYS A 3 5.58 1.40 -1.18
N GLN A 4 6.12 2.40 -1.81
CA GLN A 4 6.14 3.75 -1.18
C GLN A 4 4.78 4.04 -0.56
N SER A 5 4.76 4.50 0.66
CA SER A 5 3.44 4.79 1.29
C SER A 5 2.74 5.89 0.51
N GLY A 6 1.87 5.53 -0.38
CA GLY A 6 1.15 6.54 -1.19
C GLY A 6 1.07 6.05 -2.66
N GLU A 7 1.64 4.91 -2.94
CA GLU A 7 1.58 4.38 -4.34
C GLU A 7 0.27 3.63 -4.56
N MET A 8 0.13 3.01 -5.68
CA MET A 8 -1.14 2.25 -5.95
C MET A 8 -1.05 0.85 -5.35
N CYS A 9 -2.07 0.40 -4.67
CA CYS A 9 -2.00 -0.97 -4.06
C CYS A 9 -3.31 -1.73 -4.26
N ASN A 10 -3.43 -2.82 -3.56
CA ASN A 10 -4.67 -3.64 -3.67
C ASN A 10 -5.30 -3.83 -2.28
N LEU A 11 -6.60 -3.83 -2.20
CA LEU A 11 -7.26 -4.00 -0.88
C LEU A 11 -7.22 -5.48 -0.47
N LEU A 12 -6.61 -6.31 -1.25
CA LEU A 12 -6.54 -7.76 -0.89
C LEU A 12 -5.34 -7.99 0.02
N ASP A 13 -4.16 -7.72 -0.46
CA ASP A 13 -2.94 -7.93 0.37
C ASP A 13 -1.79 -7.06 -0.16
N GLN A 14 -1.85 -5.77 0.07
CA GLN A 14 -0.75 -4.89 -0.43
C GLN A 14 0.46 -4.98 0.51
N ASN A 15 1.62 -4.68 0.00
CA ASN A 15 2.84 -4.74 0.87
C ASN A 15 3.45 -3.35 1.03
N CYS A 16 2.68 -2.39 1.46
CA CYS A 16 3.24 -1.01 1.64
C CYS A 16 4.55 -1.11 2.42
N CYS A 17 5.29 -0.05 2.49
CA CYS A 17 6.59 -0.09 3.22
C CYS A 17 6.38 -0.01 4.74
N ASP A 18 5.50 0.82 5.19
CA ASP A 18 5.29 0.93 6.67
C ASP A 18 3.91 1.51 6.99
N GLY A 19 2.91 1.21 6.21
CA GLY A 19 1.57 1.75 6.51
C GLY A 19 0.51 0.68 6.21
N TYR A 20 -0.41 1.00 5.35
CA TYR A 20 -1.48 0.04 5.00
C TYR A 20 -2.15 0.45 3.69
N CYS A 21 -2.54 -0.48 2.87
CA CYS A 21 -3.20 -0.11 1.59
C CYS A 21 -4.68 0.23 1.84
N ILE A 22 -5.04 1.47 1.68
CA ILE A 22 -6.47 1.87 1.90
C ILE A 22 -7.03 2.44 0.60
N VAL A 23 -8.30 2.28 0.35
CA VAL A 23 -8.89 2.81 -0.90
C VAL A 23 -8.17 2.17 -2.10
N LEU A 24 -7.09 2.77 -2.54
CA LEU A 24 -6.34 2.19 -3.70
C LEU A 24 -4.90 2.66 -3.67
N VAL A 25 -4.44 3.09 -2.54
CA VAL A 25 -3.04 3.55 -2.46
C VAL A 25 -2.45 3.31 -1.07
N CYS A 26 -1.22 2.90 -1.01
CA CYS A 26 -0.54 2.67 0.30
C CYS A 26 -0.52 3.97 1.10
N THR A 27 -0.73 3.91 2.39
CA THR A 27 -0.72 5.16 3.19
C THR A 27 0.52 5.20 4.09
N TRP A 1 10.57 -5.30 -1.09
CA TRP A 1 9.63 -4.90 -2.17
C TRP A 1 8.51 -4.03 -1.61
N CYS A 2 8.72 -3.46 -0.44
CA CYS A 2 7.66 -2.61 0.16
C CYS A 2 7.20 -1.55 -0.85
N LYS A 3 6.12 -0.87 -0.57
CA LYS A 3 5.64 0.17 -1.52
C LYS A 3 5.58 1.53 -0.83
N GLN A 4 6.15 2.54 -1.41
CA GLN A 4 6.10 3.88 -0.78
C GLN A 4 4.67 4.14 -0.32
N SER A 5 4.50 4.79 0.80
CA SER A 5 3.12 5.06 1.26
C SER A 5 2.42 6.01 0.28
N GLY A 6 1.68 5.46 -0.64
CA GLY A 6 0.97 6.31 -1.63
C GLY A 6 1.03 5.63 -2.99
N GLU A 7 1.76 4.54 -3.11
CA GLU A 7 1.83 3.83 -4.41
C GLU A 7 0.50 3.15 -4.72
N MET A 8 0.34 2.62 -5.90
CA MET A 8 -0.94 1.94 -6.23
C MET A 8 -1.02 0.61 -5.48
N CYS A 9 -1.97 0.44 -4.60
CA CYS A 9 -2.06 -0.84 -3.84
C CYS A 9 -3.33 -1.61 -4.22
N ASN A 10 -3.63 -2.61 -3.45
CA ASN A 10 -4.85 -3.42 -3.73
C ASN A 10 -5.83 -3.30 -2.56
N LEU A 11 -5.74 -4.18 -1.61
CA LEU A 11 -6.66 -4.14 -0.44
C LEU A 11 -6.32 -5.28 0.51
N LEU A 12 -5.95 -6.41 -0.03
CA LEU A 12 -5.60 -7.58 0.82
C LEU A 12 -4.19 -8.08 0.47
N ASP A 13 -3.77 -7.87 -0.75
CA ASP A 13 -2.41 -8.33 -1.16
C ASP A 13 -1.46 -7.13 -1.26
N GLN A 14 -1.70 -6.11 -0.48
CA GLN A 14 -0.81 -4.91 -0.52
C GLN A 14 0.46 -5.19 0.29
N ASN A 15 1.49 -4.43 0.06
CA ASN A 15 2.75 -4.61 0.82
C ASN A 15 3.40 -3.25 1.06
N CYS A 16 2.63 -2.31 1.57
CA CYS A 16 3.19 -0.95 1.83
C CYS A 16 4.48 -1.07 2.65
N CYS A 17 5.22 -0.01 2.78
CA CYS A 17 6.50 -0.07 3.54
C CYS A 17 6.26 0.07 5.05
N ASP A 18 5.29 0.85 5.46
CA ASP A 18 5.06 1.01 6.92
C ASP A 18 3.64 1.53 7.21
N GLY A 19 2.68 1.20 6.41
CA GLY A 19 1.30 1.69 6.68
C GLY A 19 0.28 0.64 6.26
N TYR A 20 -0.59 0.99 5.35
CA TYR A 20 -1.63 0.04 4.89
C TYR A 20 -2.20 0.50 3.55
N CYS A 21 -2.89 -0.36 2.84
CA CYS A 21 -3.47 0.07 1.54
C CYS A 21 -4.93 0.46 1.74
N ILE A 22 -5.24 1.71 1.57
CA ILE A 22 -6.65 2.15 1.72
C ILE A 22 -7.13 2.72 0.39
N VAL A 23 -8.36 2.49 0.05
CA VAL A 23 -8.87 2.99 -1.25
C VAL A 23 -8.07 2.37 -2.41
N LEU A 24 -6.97 2.97 -2.76
CA LEU A 24 -6.14 2.40 -3.87
C LEU A 24 -4.70 2.90 -3.76
N VAL A 25 -4.29 3.26 -2.58
CA VAL A 25 -2.90 3.76 -2.42
C VAL A 25 -2.33 3.37 -1.06
N CYS A 26 -1.11 2.93 -1.04
CA CYS A 26 -0.45 2.55 0.24
C CYS A 26 -0.32 3.78 1.14
N THR A 27 -0.24 3.58 2.43
CA THR A 27 -0.10 4.75 3.35
C THR A 27 0.62 4.33 4.64
N TRP A 1 11.37 -4.02 -1.85
CA TRP A 1 10.09 -4.68 -2.28
C TRP A 1 8.89 -3.91 -1.72
N CYS A 2 8.97 -3.44 -0.51
CA CYS A 2 7.83 -2.69 0.08
C CYS A 2 7.34 -1.62 -0.92
N LYS A 3 6.24 -0.99 -0.62
CA LYS A 3 5.72 0.04 -1.56
C LYS A 3 5.84 1.43 -0.92
N GLN A 4 6.16 2.42 -1.71
CA GLN A 4 6.28 3.79 -1.17
C GLN A 4 4.94 4.23 -0.58
N SER A 5 4.88 4.45 0.70
CA SER A 5 3.58 4.87 1.30
C SER A 5 2.91 5.91 0.40
N GLY A 6 2.02 5.48 -0.44
CA GLY A 6 1.31 6.41 -1.35
C GLY A 6 1.30 5.84 -2.78
N GLU A 7 1.84 4.65 -2.95
CA GLU A 7 1.85 4.03 -4.32
C GLU A 7 0.53 3.32 -4.57
N MET A 8 0.43 2.63 -5.67
CA MET A 8 -0.82 1.88 -5.99
C MET A 8 -0.78 0.51 -5.32
N CYS A 9 -1.70 0.22 -4.44
CA CYS A 9 -1.68 -1.11 -3.76
C CYS A 9 -3.05 -1.78 -3.80
N ASN A 10 -3.20 -2.85 -3.07
CA ASN A 10 -4.50 -3.58 -3.05
C ASN A 10 -5.10 -3.54 -1.65
N LEU A 11 -6.32 -3.97 -1.50
CA LEU A 11 -6.96 -3.97 -0.16
C LEU A 11 -6.36 -5.08 0.72
N LEU A 12 -6.24 -6.26 0.19
CA LEU A 12 -5.67 -7.39 0.99
C LEU A 12 -4.33 -7.82 0.39
N ASP A 13 -4.13 -7.60 -0.88
CA ASP A 13 -2.84 -8.00 -1.52
C ASP A 13 -1.88 -6.81 -1.53
N GLN A 14 -2.03 -5.92 -0.57
CA GLN A 14 -1.15 -4.73 -0.51
C GLN A 14 0.21 -5.09 0.12
N ASN A 15 1.15 -4.20 0.02
CA ASN A 15 2.50 -4.45 0.61
C ASN A 15 3.18 -3.12 0.92
N CYS A 16 2.45 -2.19 1.49
CA CYS A 16 3.06 -0.87 1.82
C CYS A 16 4.34 -1.10 2.64
N CYS A 17 5.16 -0.10 2.75
CA CYS A 17 6.42 -0.27 3.53
C CYS A 17 6.15 -0.31 5.03
N ASP A 18 5.24 0.47 5.52
CA ASP A 18 4.96 0.45 6.99
C ASP A 18 3.60 1.03 7.33
N GLY A 19 2.62 0.90 6.46
CA GLY A 19 1.29 1.46 6.76
C GLY A 19 0.20 0.48 6.31
N TYR A 20 -0.62 0.90 5.40
CA TYR A 20 -1.71 0.03 4.90
C TYR A 20 -2.16 0.50 3.51
N CYS A 21 -3.19 -0.10 3.01
CA CYS A 21 -3.68 0.32 1.66
C CYS A 21 -5.17 0.61 1.72
N ILE A 22 -5.56 1.84 1.53
CA ILE A 22 -7.00 2.17 1.54
C ILE A 22 -7.42 2.53 0.11
N VAL A 23 -8.59 2.14 -0.30
CA VAL A 23 -9.02 2.42 -1.70
C VAL A 23 -8.04 1.75 -2.68
N LEU A 24 -6.96 2.39 -3.00
CA LEU A 24 -5.97 1.77 -3.93
C LEU A 24 -4.60 2.41 -3.77
N VAL A 25 -4.34 3.00 -2.64
CA VAL A 25 -3.03 3.65 -2.44
C VAL A 25 -2.48 3.39 -1.03
N CYS A 26 -1.21 3.10 -0.94
CA CYS A 26 -0.57 2.84 0.39
C CYS A 26 -0.43 4.16 1.16
N THR A 27 -0.59 4.12 2.46
CA THR A 27 -0.46 5.36 3.27
C THR A 27 0.77 5.26 4.20
N TRP A 1 11.50 -4.53 -0.86
CA TRP A 1 10.31 -5.02 -1.61
C TRP A 1 9.05 -4.31 -1.11
N CYS A 2 9.20 -3.20 -0.44
CA CYS A 2 8.02 -2.47 0.08
C CYS A 2 7.47 -1.50 -0.98
N LYS A 3 6.24 -1.09 -0.86
CA LYS A 3 5.68 -0.13 -1.85
C LYS A 3 5.71 1.28 -1.26
N GLN A 4 6.19 2.23 -2.02
CA GLN A 4 6.25 3.63 -1.51
C GLN A 4 4.95 3.98 -0.81
N SER A 5 5.00 4.42 0.41
CA SER A 5 3.74 4.78 1.11
C SER A 5 3.03 5.88 0.33
N GLY A 6 2.08 5.49 -0.48
CA GLY A 6 1.34 6.50 -1.30
C GLY A 6 1.23 6.00 -2.74
N GLU A 7 1.72 4.83 -3.01
CA GLU A 7 1.63 4.29 -4.41
C GLU A 7 0.29 3.59 -4.60
N MET A 8 0.11 2.96 -5.71
CA MET A 8 -1.18 2.25 -5.97
C MET A 8 -1.10 0.84 -5.39
N CYS A 9 -1.97 0.49 -4.48
CA CYS A 9 -1.90 -0.88 -3.90
C CYS A 9 -3.16 -1.69 -4.20
N ASN A 10 -3.22 -2.87 -3.63
CA ASN A 10 -4.40 -3.74 -3.86
C ASN A 10 -5.21 -3.83 -2.56
N LEU A 11 -6.51 -3.83 -2.67
CA LEU A 11 -7.34 -3.92 -1.43
C LEU A 11 -7.52 -5.38 -1.03
N LEU A 12 -6.47 -6.14 -1.04
CA LEU A 12 -6.57 -7.58 -0.67
C LEU A 12 -5.29 -8.06 0.03
N ASP A 13 -4.16 -7.58 -0.40
CA ASP A 13 -2.89 -8.02 0.25
C ASP A 13 -1.74 -7.10 -0.15
N GLN A 14 -1.88 -5.81 0.05
CA GLN A 14 -0.78 -4.87 -0.31
C GLN A 14 0.31 -4.89 0.76
N ASN A 15 1.52 -4.62 0.36
CA ASN A 15 2.64 -4.61 1.35
C ASN A 15 3.29 -3.22 1.39
N CYS A 16 2.56 -2.22 1.81
CA CYS A 16 3.16 -0.85 1.88
C CYS A 16 4.46 -0.89 2.66
N CYS A 17 5.24 0.16 2.59
CA CYS A 17 6.53 0.17 3.33
C CYS A 17 6.33 0.31 4.84
N ASP A 18 5.35 1.05 5.28
CA ASP A 18 5.15 1.20 6.75
C ASP A 18 3.70 1.59 7.10
N GLY A 19 2.76 1.33 6.24
CA GLY A 19 1.36 1.68 6.59
C GLY A 19 0.42 0.55 6.20
N TYR A 20 -0.52 0.85 5.35
CA TYR A 20 -1.49 -0.18 4.91
C TYR A 20 -2.17 0.28 3.61
N CYS A 21 -2.79 -0.60 2.88
CA CYS A 21 -3.44 -0.17 1.62
C CYS A 21 -4.91 0.20 1.87
N ILE A 22 -5.25 1.44 1.73
CA ILE A 22 -6.66 1.87 1.94
C ILE A 22 -7.22 2.35 0.61
N VAL A 23 -8.45 2.05 0.30
CA VAL A 23 -9.01 2.48 -1.01
C VAL A 23 -8.14 1.92 -2.14
N LEU A 24 -7.12 2.63 -2.52
CA LEU A 24 -6.23 2.13 -3.62
C LEU A 24 -4.85 2.76 -3.53
N VAL A 25 -4.44 3.14 -2.36
CA VAL A 25 -3.10 3.77 -2.22
C VAL A 25 -2.46 3.38 -0.89
N CYS A 26 -1.18 3.09 -0.91
CA CYS A 26 -0.46 2.71 0.33
C CYS A 26 -0.27 3.93 1.24
N THR A 27 -0.45 3.77 2.52
CA THR A 27 -0.27 4.93 3.44
C THR A 27 0.82 4.63 4.48
#